data_5EB1
#
_entry.id   5EB1
#
_cell.length_a   49.499
_cell.length_b   58.574
_cell.length_c   69.863
_cell.angle_alpha   72.930
_cell.angle_beta   96.980
_cell.angle_gamma   90.190
#
_symmetry.space_group_name_H-M   'P 1'
#
loop_
_entity.id
_entity.type
_entity.pdbx_description
1 polymer YfiR
2 polymer YfiB
3 non-polymer 'SULFATE ION'
4 water water
#
loop_
_entity_poly.entity_id
_entity_poly.type
_entity_poly.pdbx_seq_one_letter_code
_entity_poly.pdbx_strand_id
1 'polypeptide(L)'
;GNSDDARTSIEQRSNAVSQVLLGIFSYVRWPKEPAVLQLCVVGPTEYADGLLRGMVQANGRRVHAERRAVDNPDLGTLCN
VIYLGVVDERERQQVFRSLAGHPVLSISERGTECSVGSMFCLNVGGPRITFEANLDSIARSGVRVHPSVLKLARRQATP
;
A,C
2 'polypeptide(L)'
;GLSAEQIAVPQEQGFELRDEGWEFGMSSKVLFGNNLDRLNPDSRNTLTKIARALLAVDIDKVRLEGHTDNYGDEGYNQKL
SERRAESVAAVFREAGMPAANIEVRGLGMSKPVADNKTRAGRSENRRVAIIVPAE
;
B,D
#
loop_
_chem_comp.id
_chem_comp.type
_chem_comp.name
_chem_comp.formula
SO4 non-polymer 'SULFATE ION' 'O4 S -2'
#
# COMPACT_ATOMS: atom_id res chain seq x y z
N SER A 9 -0.54 5.67 18.78
CA SER A 9 -1.54 6.34 17.95
C SER A 9 -0.95 6.82 16.63
N ILE A 10 -1.82 6.93 15.61
CA ILE A 10 -1.40 7.36 14.28
C ILE A 10 -0.87 8.80 14.25
N GLU A 11 -1.46 9.69 15.03
CA GLU A 11 -1.03 11.09 15.14
C GLU A 11 0.33 11.16 15.78
N GLN A 12 0.49 10.36 16.81
CA GLN A 12 1.71 10.31 17.59
C GLN A 12 2.83 9.79 16.71
N ARG A 13 2.49 8.79 15.91
CA ARG A 13 3.49 8.23 15.00
C ARG A 13 3.81 9.22 13.88
N SER A 14 2.81 9.93 13.38
CA SER A 14 3.02 10.90 12.30
C SER A 14 3.97 11.99 12.77
N ASN A 15 3.78 12.46 14.00
CA ASN A 15 4.68 13.48 14.53
C ASN A 15 6.08 12.94 14.72
N ALA A 16 6.20 11.68 15.12
CA ALA A 16 7.51 11.08 15.28
C ALA A 16 8.20 10.93 13.91
N VAL A 17 7.41 10.64 12.88
CA VAL A 17 7.98 10.57 11.53
C VAL A 17 8.50 11.94 11.11
N SER A 18 7.72 12.99 11.37
CA SER A 18 8.16 14.36 11.05
C SER A 18 9.52 14.67 11.71
N GLN A 19 9.64 14.32 12.98
CA GLN A 19 10.86 14.60 13.73
C GLN A 19 12.06 13.79 13.25
N VAL A 20 11.87 12.51 12.96
CA VAL A 20 13.01 11.71 12.50
C VAL A 20 13.41 12.19 11.11
N LEU A 21 12.46 12.62 10.28
CA LEU A 21 12.81 13.17 8.97
C LEU A 21 13.66 14.44 9.13
N LEU A 22 13.20 15.39 9.96
CA LEU A 22 14.01 16.59 10.23
C LEU A 22 15.40 16.21 10.75
N GLY A 23 15.45 15.23 11.65
CA GLY A 23 16.73 14.73 12.13
C GLY A 23 17.65 14.24 11.01
N ILE A 24 17.13 13.38 10.15
CA ILE A 24 17.91 12.84 9.05
C ILE A 24 18.38 13.98 8.10
N PHE A 25 17.48 14.91 7.78
CA PHE A 25 17.81 15.99 6.84
C PHE A 25 19.06 16.74 7.30
N SER A 26 19.22 16.87 8.63
CA SER A 26 20.32 17.69 9.17
C SER A 26 21.69 17.06 8.88
N TYR A 27 21.70 15.78 8.49
CA TYR A 27 22.95 15.07 8.17
C TYR A 27 23.20 15.00 6.67
N VAL A 28 22.36 15.67 5.90
CA VAL A 28 22.42 15.60 4.46
C VAL A 28 22.82 16.94 3.88
N ARG A 29 23.61 16.92 2.82
CA ARG A 29 23.94 18.13 2.08
C ARG A 29 23.68 17.91 0.59
N TRP A 30 22.98 18.87 -0.01
CA TRP A 30 22.72 18.85 -1.45
C TRP A 30 23.81 19.61 -2.18
N PRO A 31 24.18 19.15 -3.39
CA PRO A 31 25.25 19.89 -4.10
C PRO A 31 24.83 21.33 -4.43
N LYS A 32 23.54 21.55 -4.65
CA LYS A 32 22.99 22.90 -4.77
C LYS A 32 21.84 23.06 -3.79
N GLU A 33 22.12 23.73 -2.67
CA GLU A 33 21.13 23.88 -1.60
C GLU A 33 20.03 24.85 -2.00
N PRO A 34 18.77 24.38 -2.00
CA PRO A 34 17.65 25.27 -2.34
C PRO A 34 17.28 26.25 -1.24
N ALA A 35 16.59 27.32 -1.60
CA ALA A 35 16.06 28.28 -0.65
C ALA A 35 14.97 27.64 0.19
N VAL A 36 14.18 26.78 -0.47
CA VAL A 36 13.12 26.04 0.21
C VAL A 36 13.28 24.55 -0.13
N LEU A 37 13.34 23.71 0.88
CA LEU A 37 13.54 22.28 0.64
C LEU A 37 12.22 21.70 0.15
N GLN A 38 12.27 20.97 -0.96
CA GLN A 38 11.06 20.45 -1.57
C GLN A 38 10.94 18.95 -1.24
N LEU A 39 9.84 18.58 -0.58
CA LEU A 39 9.59 17.20 -0.25
C LEU A 39 8.36 16.73 -1.00
N CYS A 40 8.44 15.60 -1.68
N CYS A 40 8.44 15.57 -1.63
CA CYS A 40 7.23 15.02 -2.28
CA CYS A 40 7.26 14.99 -2.23
C CYS A 40 6.87 13.71 -1.58
C CYS A 40 6.88 13.75 -1.47
N VAL A 41 5.58 13.55 -1.29
CA VAL A 41 5.07 12.33 -0.69
C VAL A 41 4.45 11.52 -1.83
N VAL A 42 4.94 10.31 -2.04
CA VAL A 42 4.60 9.55 -3.24
C VAL A 42 4.04 8.17 -2.88
N GLY A 43 2.81 7.88 -3.32
CA GLY A 43 2.21 6.59 -3.03
C GLY A 43 1.44 6.60 -1.70
N PRO A 44 0.66 5.55 -1.44
CA PRO A 44 -0.18 5.51 -0.23
C PRO A 44 0.64 5.52 1.05
N THR A 45 0.26 6.39 1.98
CA THR A 45 0.97 6.49 3.26
C THR A 45 0.03 6.53 4.44
N GLU A 46 0.52 6.12 5.60
CA GLU A 46 -0.19 6.26 6.86
C GLU A 46 0.30 7.43 7.68
N TYR A 47 1.57 7.79 7.51
CA TYR A 47 2.21 8.67 8.50
C TYR A 47 2.72 10.00 7.95
N ALA A 48 2.21 10.43 6.81
CA ALA A 48 2.72 11.66 6.18
C ALA A 48 1.90 12.91 6.47
N ASP A 49 0.83 12.80 7.24
CA ASP A 49 -0.06 13.96 7.38
C ASP A 49 0.69 15.14 8.04
N GLY A 50 1.57 14.84 8.99
CA GLY A 50 2.41 15.87 9.60
C GLY A 50 3.36 16.54 8.62
N LEU A 51 4.10 15.75 7.86
CA LEU A 51 4.97 16.24 6.78
C LEU A 51 4.22 17.23 5.89
N LEU A 52 2.98 16.88 5.54
CA LEU A 52 2.26 17.59 4.50
C LEU A 52 1.73 18.95 4.99
N ARG A 53 1.78 19.16 6.29
CA ARG A 53 1.46 20.48 6.86
C ARG A 53 2.61 21.46 6.69
N GLY A 54 3.76 20.95 6.25
CA GLY A 54 4.96 21.79 6.13
C GLY A 54 5.79 21.75 7.40
N MET A 55 7.10 21.97 7.26
CA MET A 55 7.99 21.96 8.41
C MET A 55 9.03 23.07 8.27
N VAL A 56 9.80 23.25 9.33
CA VAL A 56 10.94 24.17 9.30
C VAL A 56 12.14 23.46 9.88
N GLN A 57 13.28 23.58 9.19
CA GLN A 57 14.51 22.97 9.66
C GLN A 57 15.18 23.89 10.68
N ALA A 58 16.02 23.32 11.53
CA ALA A 58 16.74 24.10 12.54
C ALA A 58 17.71 25.12 11.94
N ASN A 59 18.04 24.98 10.66
CA ASN A 59 18.91 25.94 10.01
C ASN A 59 18.13 27.12 9.45
N GLY A 60 16.81 27.12 9.70
CA GLY A 60 15.95 28.20 9.27
C GLY A 60 15.21 27.96 7.96
N ARG A 61 15.53 26.87 7.26
CA ARG A 61 14.92 26.63 5.95
C ARG A 61 13.55 25.96 6.05
N ARG A 62 12.60 26.47 5.28
CA ARG A 62 11.26 25.89 5.19
C ARG A 62 11.30 24.59 4.39
N VAL A 63 10.51 23.61 4.81
CA VAL A 63 10.28 22.40 4.02
C VAL A 63 8.87 22.43 3.46
N HIS A 64 8.76 22.53 2.15
CA HIS A 64 7.46 22.50 1.48
C HIS A 64 7.15 21.08 1.02
N ALA A 65 6.00 20.55 1.42
CA ALA A 65 5.65 19.17 1.10
C ALA A 65 4.38 19.10 0.29
N GLU A 66 4.34 18.20 -0.69
CA GLU A 66 3.07 17.87 -1.32
C GLU A 66 3.08 16.46 -1.87
N ARG A 67 1.90 15.91 -2.09
CA ARG A 67 1.79 14.58 -2.69
C ARG A 67 1.97 14.65 -4.19
N ARG A 68 2.74 13.74 -4.76
CA ARG A 68 2.85 13.66 -6.21
C ARG A 68 2.58 12.23 -6.66
N ALA A 69 2.27 12.07 -7.94
CA ALA A 69 1.90 10.76 -8.48
C ALA A 69 3.10 9.85 -8.68
N VAL A 70 2.90 8.56 -8.42
CA VAL A 70 3.93 7.54 -8.66
C VAL A 70 4.46 7.60 -10.09
N ASP A 71 3.60 7.95 -11.04
CA ASP A 71 4.00 7.91 -12.44
C ASP A 71 4.37 9.28 -13.01
N ASN A 72 4.62 10.25 -12.16
CA ASN A 72 5.18 11.52 -12.63
C ASN A 72 6.64 11.32 -13.02
N PRO A 73 6.96 11.56 -14.30
CA PRO A 73 8.33 11.32 -14.78
C PRO A 73 9.35 12.33 -14.26
N ASP A 74 8.89 13.47 -13.72
CA ASP A 74 9.83 14.49 -13.31
C ASP A 74 10.03 14.58 -11.80
N LEU A 75 9.75 13.49 -11.09
CA LEU A 75 9.95 13.50 -9.63
C LEU A 75 11.35 13.96 -9.24
N GLY A 76 12.36 13.53 -10.01
CA GLY A 76 13.76 13.84 -9.71
C GLY A 76 14.11 15.31 -9.76
N THR A 77 13.34 16.11 -10.50
CA THR A 77 13.58 17.55 -10.53
C THR A 77 12.55 18.35 -9.73
N LEU A 78 11.49 17.69 -9.29
CA LEU A 78 10.43 18.35 -8.56
C LEU A 78 10.64 18.30 -7.04
N CYS A 79 11.64 17.55 -6.60
CA CYS A 79 11.87 17.47 -5.17
C CYS A 79 13.34 17.34 -4.81
N ASN A 80 13.64 17.60 -3.55
CA ASN A 80 14.94 17.33 -2.96
C ASN A 80 14.88 16.07 -2.11
N VAL A 81 13.68 15.80 -1.60
CA VAL A 81 13.42 14.65 -0.75
C VAL A 81 12.17 13.96 -1.26
N ILE A 82 12.22 12.63 -1.33
CA ILE A 82 11.01 11.84 -1.59
C ILE A 82 10.72 10.94 -0.38
N TYR A 83 9.47 10.99 0.08
CA TYR A 83 8.99 10.10 1.14
C TYR A 83 8.07 9.12 0.44
N LEU A 84 8.48 7.86 0.36
CA LEU A 84 7.85 6.88 -0.54
C LEU A 84 6.94 5.95 0.24
N GLY A 85 5.68 5.86 -0.20
CA GLY A 85 4.72 5.04 0.50
C GLY A 85 4.67 3.62 0.03
N VAL A 86 3.55 2.97 0.29
CA VAL A 86 3.41 1.55 0.01
C VAL A 86 3.02 1.32 -1.43
N VAL A 87 4.02 1.08 -2.27
CA VAL A 87 3.80 0.88 -3.70
C VAL A 87 4.25 -0.51 -4.08
N ASP A 88 3.66 -1.08 -5.12
CA ASP A 88 4.07 -2.41 -5.52
C ASP A 88 5.40 -2.32 -6.26
N GLU A 89 5.92 -3.48 -6.65
CA GLU A 89 7.26 -3.56 -7.22
C GLU A 89 7.44 -2.87 -8.58
N ARG A 90 6.41 -2.90 -9.43
CA ARG A 90 6.49 -2.22 -10.70
C ARG A 90 6.61 -0.71 -10.48
N GLU A 91 5.74 -0.19 -9.62
CA GLU A 91 5.71 1.23 -9.30
C GLU A 91 7.01 1.70 -8.67
N ARG A 92 7.53 0.89 -7.76
CA ARG A 92 8.77 1.21 -7.07
C ARG A 92 9.90 1.32 -8.08
N GLN A 93 9.94 0.40 -9.04
CA GLN A 93 10.99 0.47 -10.04
C GLN A 93 10.82 1.73 -10.91
N GLN A 94 9.57 2.04 -11.24
CA GLN A 94 9.25 3.24 -11.98
C GLN A 94 9.77 4.52 -11.30
N VAL A 95 9.48 4.63 -10.01
CA VAL A 95 9.93 5.77 -9.21
C VAL A 95 11.46 5.92 -9.26
N PHE A 96 12.20 4.85 -9.02
CA PHE A 96 13.63 5.00 -8.93
C PHE A 96 14.28 5.14 -10.31
N ARG A 97 13.61 4.68 -11.37
CA ARG A 97 14.07 5.04 -12.71
C ARG A 97 13.99 6.55 -12.90
N SER A 98 12.94 7.16 -12.39
CA SER A 98 12.76 8.61 -12.50
C SER A 98 13.79 9.39 -11.67
N LEU A 99 14.18 8.82 -10.53
CA LEU A 99 15.09 9.50 -9.61
C LEU A 99 16.55 9.33 -9.97
N ALA A 100 16.87 8.30 -10.76
CA ALA A 100 18.26 7.96 -11.03
C ALA A 100 19.02 9.14 -11.63
N GLY A 101 20.15 9.44 -11.02
CA GLY A 101 21.00 10.51 -11.49
C GLY A 101 20.62 11.90 -11.02
N HIS A 102 19.55 12.01 -10.23
CA HIS A 102 19.16 13.28 -9.63
C HIS A 102 19.55 13.27 -8.16
N PRO A 103 19.90 14.44 -7.61
CA PRO A 103 20.35 14.46 -6.21
C PRO A 103 19.17 14.48 -5.23
N VAL A 104 18.63 13.30 -4.94
CA VAL A 104 17.41 13.17 -4.16
C VAL A 104 17.60 12.24 -2.96
N LEU A 105 17.23 12.75 -1.79
CA LEU A 105 17.16 11.95 -0.56
C LEU A 105 15.87 11.12 -0.57
N SER A 106 15.99 9.81 -0.42
CA SER A 106 14.81 8.94 -0.43
C SER A 106 14.62 8.22 0.90
N ILE A 107 13.41 8.30 1.41
CA ILE A 107 13.00 7.66 2.66
C ILE A 107 11.69 6.95 2.44
N SER A 108 11.64 5.65 2.79
CA SER A 108 10.40 4.87 2.64
C SER A 108 9.70 4.73 3.96
N GLU A 109 8.37 4.76 3.96
CA GLU A 109 7.59 4.66 5.20
C GLU A 109 7.73 3.29 5.88
N ARG A 110 7.85 2.25 5.06
CA ARG A 110 7.99 0.90 5.59
C ARG A 110 9.38 0.35 5.34
N GLY A 111 9.80 -0.57 6.19
CA GLY A 111 11.19 -0.94 6.27
C GLY A 111 11.55 -2.26 5.66
N THR A 112 10.73 -2.76 4.73
CA THR A 112 10.97 -4.11 4.22
C THR A 112 11.58 -4.18 2.82
N GLU A 113 11.63 -3.05 2.12
CA GLU A 113 12.09 -3.03 0.72
C GLU A 113 13.35 -2.20 0.60
N CYS A 114 14.36 -2.51 1.37
CA CYS A 114 15.51 -1.63 1.42
C CYS A 114 16.73 -2.27 0.78
N SER A 115 16.52 -3.38 0.06
CA SER A 115 17.58 -3.98 -0.73
C SER A 115 18.00 -3.10 -1.88
N VAL A 116 17.02 -2.43 -2.47
CA VAL A 116 17.25 -1.51 -3.57
C VAL A 116 16.25 -0.39 -3.45
N GLY A 117 16.59 0.77 -3.99
CA GLY A 117 15.67 1.88 -3.93
C GLY A 117 16.07 2.87 -2.85
N SER A 118 15.24 2.99 -1.82
CA SER A 118 15.40 4.06 -0.82
C SER A 118 16.66 3.97 0.01
N MET A 119 17.16 5.14 0.38
CA MET A 119 18.34 5.24 1.23
C MET A 119 18.04 4.84 2.67
N PHE A 120 16.89 5.26 3.16
CA PHE A 120 16.44 4.97 4.51
C PHE A 120 15.07 4.34 4.42
N CYS A 121 14.83 3.29 5.20
CA CYS A 121 13.54 2.61 5.19
C CYS A 121 13.07 2.60 6.65
N LEU A 122 11.99 3.32 6.94
CA LEU A 122 11.56 3.45 8.34
C LEU A 122 10.84 2.21 8.88
N ASN A 123 10.90 2.04 10.19
N ASN A 123 10.92 2.02 10.18
CA ASN A 123 10.03 1.12 10.88
CA ASN A 123 10.02 1.11 10.90
C ASN A 123 9.23 1.89 11.91
C ASN A 123 9.23 1.91 11.91
N VAL A 124 7.95 2.08 11.63
CA VAL A 124 7.08 2.89 12.47
C VAL A 124 6.10 1.96 13.19
N GLY A 125 5.80 2.25 14.45
CA GLY A 125 4.81 1.48 15.17
C GLY A 125 5.34 0.74 16.37
N GLY A 126 6.66 0.73 16.53
CA GLY A 126 7.26 0.19 17.73
C GLY A 126 7.30 1.29 18.77
N PRO A 127 7.90 1.01 19.94
CA PRO A 127 8.00 2.06 20.97
C PRO A 127 8.72 3.30 20.47
N ARG A 128 9.58 3.13 19.48
CA ARG A 128 10.31 4.25 18.90
C ARG A 128 10.61 3.97 17.42
N ILE A 129 10.66 5.02 16.61
CA ILE A 129 10.93 4.84 15.20
C ILE A 129 12.38 4.46 15.01
N THR A 130 12.61 3.41 14.22
CA THR A 130 13.96 3.04 13.83
C THR A 130 14.01 3.06 12.31
N PHE A 131 15.18 2.80 11.75
CA PHE A 131 15.27 2.65 10.29
C PHE A 131 16.45 1.80 9.90
N GLU A 132 16.35 1.25 8.69
CA GLU A 132 17.50 0.64 8.04
C GLU A 132 18.04 1.62 7.02
N ALA A 133 19.33 1.52 6.74
CA ALA A 133 19.98 2.38 5.77
C ALA A 133 20.73 1.51 4.76
N ASN A 134 20.59 1.84 3.49
CA ASN A 134 21.30 1.10 2.45
C ASN A 134 22.43 1.97 1.94
N LEU A 135 23.67 1.58 2.24
CA LEU A 135 24.79 2.46 1.92
C LEU A 135 25.05 2.56 0.43
N ASP A 136 24.68 1.52 -0.32
CA ASP A 136 24.84 1.54 -1.75
C ASP A 136 23.88 2.55 -2.36
N SER A 137 22.64 2.55 -1.87
CA SER A 137 21.65 3.51 -2.32
C SER A 137 22.10 4.93 -1.97
N ILE A 138 22.67 5.08 -0.78
CA ILE A 138 23.22 6.37 -0.38
C ILE A 138 24.36 6.81 -1.30
N ALA A 139 25.27 5.90 -1.64
CA ALA A 139 26.41 6.23 -2.49
C ALA A 139 25.95 6.74 -3.86
N ARG A 140 24.86 6.19 -4.36
CA ARG A 140 24.35 6.52 -5.70
C ARG A 140 23.46 7.74 -5.73
N SER A 141 23.09 8.25 -4.57
CA SER A 141 22.01 9.23 -4.49
C SER A 141 22.34 10.59 -5.10
N GLY A 142 23.61 10.99 -5.07
CA GLY A 142 23.98 12.31 -5.54
C GLY A 142 23.96 13.34 -4.43
N VAL A 143 23.58 12.91 -3.22
CA VAL A 143 23.68 13.79 -2.06
C VAL A 143 24.67 13.24 -1.03
N ARG A 144 25.18 14.12 -0.18
CA ARG A 144 26.12 13.69 0.84
C ARG A 144 25.37 13.38 2.13
N VAL A 145 25.67 12.23 2.73
CA VAL A 145 25.03 11.78 3.97
C VAL A 145 26.10 11.38 4.96
N HIS A 146 26.17 12.06 6.10
CA HIS A 146 27.23 11.79 7.05
C HIS A 146 26.87 10.53 7.84
N PRO A 147 27.87 9.64 8.05
CA PRO A 147 27.64 8.38 8.78
C PRO A 147 27.02 8.55 10.16
N SER A 148 27.22 9.69 10.84
CA SER A 148 26.66 9.84 12.18
C SER A 148 25.14 9.93 12.13
N VAL A 149 24.56 10.04 10.93
CA VAL A 149 23.10 9.96 10.82
C VAL A 149 22.59 8.63 11.37
N LEU A 150 23.43 7.59 11.33
CA LEU A 150 23.01 6.25 11.70
C LEU A 150 22.66 6.13 13.19
N LYS A 151 23.16 7.06 13.99
CA LYS A 151 22.91 7.06 15.43
C LYS A 151 21.44 7.35 15.76
N LEU A 152 20.72 7.92 14.81
CA LEU A 152 19.31 8.27 15.02
C LEU A 152 18.43 7.02 15.08
N ALA A 153 18.91 5.93 14.50
CA ALA A 153 18.13 4.69 14.47
C ALA A 153 18.31 3.90 15.76
N ARG A 154 19.29 4.32 16.55
CA ARG A 154 19.66 3.56 17.75
C ARG A 154 19.12 4.16 19.03
N ARG A 155 19.52 3.53 20.14
CA ARG A 155 19.22 3.96 21.50
C ARG A 155 17.76 3.70 21.84
N GLN B 11 18.14 14.71 17.40
CA GLN B 11 17.31 15.65 16.65
C GLN B 11 18.15 16.19 15.49
N GLU B 12 18.41 17.50 15.43
CA GLU B 12 18.99 18.07 14.22
C GLU B 12 20.44 18.51 14.37
N GLN B 13 21.21 17.71 15.09
CA GLN B 13 22.62 18.03 15.35
C GLN B 13 23.53 17.84 14.14
N GLY B 14 23.00 17.28 13.04
CA GLY B 14 23.82 17.19 11.86
C GLY B 14 24.30 18.52 11.32
N PHE B 15 23.60 19.61 11.66
CA PHE B 15 23.99 20.94 11.18
C PHE B 15 25.30 21.42 11.77
N GLU B 16 25.73 20.80 12.86
CA GLU B 16 27.04 21.08 13.45
C GLU B 16 28.21 20.40 12.73
N LEU B 17 27.91 19.48 11.82
CA LEU B 17 28.98 18.79 11.12
C LEU B 17 29.79 19.71 10.21
N ARG B 18 31.12 19.54 10.22
CA ARG B 18 31.94 20.28 9.28
C ARG B 18 32.40 19.37 8.16
N ASP B 19 33.69 19.35 7.83
CA ASP B 19 34.15 18.64 6.64
C ASP B 19 34.71 17.23 6.85
N GLU B 20 34.69 16.73 8.08
CA GLU B 20 35.35 15.45 8.31
C GLU B 20 34.38 14.28 8.34
N GLY B 21 34.85 13.15 7.81
CA GLY B 21 34.16 11.89 7.96
C GLY B 21 33.05 11.57 6.98
N TRP B 22 32.97 12.28 5.85
CA TRP B 22 31.88 12.02 4.90
C TRP B 22 32.25 10.83 4.00
N GLU B 23 32.13 9.62 4.54
CA GLU B 23 32.64 8.41 3.87
C GLU B 23 31.62 7.66 3.02
N PHE B 24 30.42 8.19 2.85
CA PHE B 24 29.38 7.46 2.12
C PHE B 24 29.05 8.06 0.75
N GLY B 25 30.04 8.68 0.10
CA GLY B 25 29.84 9.32 -1.19
C GLY B 25 29.90 8.35 -2.35
N MET B 26 29.99 8.91 -3.56
CA MET B 26 29.98 8.12 -4.79
C MET B 26 31.11 7.11 -4.85
N SER B 27 32.24 7.46 -4.26
CA SER B 27 33.39 6.59 -4.32
C SER B 27 33.29 5.42 -3.34
N SER B 28 32.20 5.35 -2.59
CA SER B 28 32.08 4.30 -1.58
C SER B 28 31.29 3.07 -2.06
N LYS B 29 30.93 3.05 -3.34
CA LYS B 29 30.27 1.85 -3.88
C LYS B 29 31.23 0.68 -3.82
N VAL B 30 30.69 -0.52 -3.59
CA VAL B 30 31.54 -1.71 -3.52
C VAL B 30 31.27 -2.55 -4.77
N LEU B 31 32.06 -2.33 -5.82
CA LEU B 31 31.85 -2.97 -7.11
C LEU B 31 32.86 -4.07 -7.43
N PHE B 32 32.44 -5.02 -8.26
CA PHE B 32 33.29 -6.14 -8.65
C PHE B 32 33.50 -6.18 -10.14
N GLY B 33 34.66 -6.70 -10.56
CA GLY B 33 34.88 -6.94 -11.98
C GLY B 33 34.00 -8.06 -12.52
N ASN B 34 33.89 -8.13 -13.83
CA ASN B 34 33.09 -9.17 -14.50
C ASN B 34 33.45 -10.58 -14.03
N ASN B 35 32.46 -11.32 -13.53
CA ASN B 35 32.63 -12.68 -13.03
C ASN B 35 33.63 -12.82 -11.87
N LEU B 36 34.01 -11.70 -11.26
CA LEU B 36 34.92 -11.75 -10.12
C LEU B 36 34.16 -11.75 -8.80
N ASP B 37 34.63 -12.53 -7.82
CA ASP B 37 34.02 -12.56 -6.50
C ASP B 37 35.00 -12.08 -5.43
N ARG B 38 36.16 -11.62 -5.86
CA ARG B 38 37.20 -11.17 -4.94
C ARG B 38 37.42 -9.67 -5.10
N LEU B 39 37.92 -9.05 -4.03
CA LEU B 39 38.22 -7.63 -4.07
C LEU B 39 39.67 -7.40 -4.48
N ASN B 40 39.92 -6.22 -5.03
CA ASN B 40 41.25 -5.73 -5.39
C ASN B 40 41.65 -4.63 -4.39
N PRO B 41 42.94 -4.22 -4.36
CA PRO B 41 43.34 -3.18 -3.41
C PRO B 41 42.50 -1.89 -3.40
N ASP B 42 41.97 -1.42 -4.53
CA ASP B 42 41.14 -0.20 -4.47
C ASP B 42 39.88 -0.42 -3.65
N SER B 43 39.17 -1.52 -3.91
CA SER B 43 37.94 -1.84 -3.19
C SER B 43 38.13 -2.24 -1.73
N ARG B 44 39.20 -2.98 -1.42
CA ARG B 44 39.43 -3.39 -0.03
C ARG B 44 39.76 -2.17 0.84
N ASN B 45 40.52 -1.23 0.26
CA ASN B 45 40.80 0.02 0.97
C ASN B 45 39.51 0.79 1.21
N THR B 46 38.68 0.86 0.18
CA THR B 46 37.37 1.50 0.28
C THR B 46 36.54 0.90 1.42
N LEU B 47 36.51 -0.44 1.47
CA LEU B 47 35.71 -1.14 2.47
C LEU B 47 36.20 -0.90 3.87
N THR B 48 37.51 -0.90 4.06
CA THR B 48 38.07 -0.68 5.39
C THR B 48 37.70 0.70 5.91
N LYS B 49 37.71 1.70 5.03
CA LYS B 49 37.29 3.04 5.42
C LYS B 49 35.82 3.07 5.82
N ILE B 50 34.98 2.32 5.10
CA ILE B 50 33.56 2.24 5.44
C ILE B 50 33.40 1.54 6.79
N ALA B 51 34.08 0.41 6.93
CA ALA B 51 34.05 -0.35 8.17
C ALA B 51 34.47 0.52 9.36
N ARG B 52 35.51 1.32 9.18
CA ARG B 52 35.99 2.18 10.26
C ARG B 52 35.01 3.30 10.58
N ALA B 53 34.40 3.86 9.54
CA ALA B 53 33.40 4.90 9.74
C ALA B 53 32.21 4.37 10.55
N LEU B 54 31.76 3.15 10.24
CA LEU B 54 30.61 2.57 10.93
C LEU B 54 30.92 2.32 12.40
N LEU B 55 32.08 1.73 12.67
CA LEU B 55 32.49 1.45 14.04
C LEU B 55 32.66 2.75 14.82
N ALA B 56 33.12 3.79 14.13
CA ALA B 56 33.29 5.10 14.77
C ALA B 56 31.97 5.69 15.27
N VAL B 57 30.85 5.29 14.67
CA VAL B 57 29.57 5.80 15.12
C VAL B 57 28.78 4.70 15.84
N ASP B 58 29.53 3.74 16.38
CA ASP B 58 29.02 2.68 17.24
C ASP B 58 28.05 1.73 16.54
N ILE B 59 28.27 1.53 15.25
CA ILE B 59 27.55 0.50 14.51
C ILE B 59 28.41 -0.75 14.46
N ASP B 60 27.88 -1.85 14.98
CA ASP B 60 28.63 -3.10 15.06
C ASP B 60 27.91 -4.25 14.37
N LYS B 61 26.95 -3.94 13.51
CA LYS B 61 26.11 -4.97 12.90
C LYS B 61 25.65 -4.53 11.52
N VAL B 62 25.89 -5.38 10.54
CA VAL B 62 25.52 -5.06 9.15
C VAL B 62 24.93 -6.26 8.46
N ARG B 63 24.15 -6.02 7.42
CA ARG B 63 23.75 -7.07 6.50
C ARG B 63 24.41 -6.79 5.16
N LEU B 64 25.02 -7.82 4.58
CA LEU B 64 25.70 -7.66 3.30
C LEU B 64 24.93 -8.41 2.22
N GLU B 65 24.51 -7.71 1.18
CA GLU B 65 23.72 -8.34 0.11
C GLU B 65 24.46 -8.27 -1.22
N GLY B 66 24.79 -9.44 -1.77
CA GLY B 66 25.53 -9.49 -3.02
C GLY B 66 24.64 -9.57 -4.23
N HIS B 67 25.13 -9.06 -5.34
CA HIS B 67 24.37 -8.93 -6.56
C HIS B 67 25.25 -9.21 -7.76
N THR B 68 24.62 -9.60 -8.85
CA THR B 68 25.29 -9.78 -10.14
C THR B 68 24.56 -9.02 -11.23
N ASP B 69 25.17 -8.93 -12.41
CA ASP B 69 24.41 -8.49 -13.58
C ASP B 69 23.61 -9.69 -14.08
N ASN B 70 22.95 -9.57 -15.22
CA ASN B 70 22.03 -10.62 -15.64
C ASN B 70 22.61 -11.53 -16.72
N TYR B 71 23.93 -11.56 -16.84
CA TYR B 71 24.57 -12.51 -17.77
C TYR B 71 24.68 -13.92 -17.18
N GLY B 72 24.37 -14.93 -17.98
CA GLY B 72 24.51 -16.31 -17.52
C GLY B 72 23.24 -16.80 -16.87
N ASP B 73 23.28 -18.00 -16.30
CA ASP B 73 22.08 -18.59 -15.71
C ASP B 73 21.91 -18.14 -14.28
N GLU B 74 20.68 -18.26 -13.79
CA GLU B 74 20.30 -17.72 -12.48
C GLU B 74 21.06 -18.35 -11.32
N GLY B 75 21.20 -19.67 -11.37
CA GLY B 75 21.86 -20.40 -10.29
C GLY B 75 23.31 -20.01 -10.10
N TYR B 76 24.05 -19.91 -11.20
CA TYR B 76 25.44 -19.53 -11.15
C TYR B 76 25.58 -18.15 -10.51
N ASN B 77 24.71 -17.24 -10.93
CA ASN B 77 24.77 -15.88 -10.42
C ASN B 77 24.38 -15.79 -8.96
N GLN B 78 23.43 -16.63 -8.55
CA GLN B 78 23.06 -16.68 -7.15
C GLN B 78 24.30 -17.02 -6.32
N LYS B 79 25.02 -18.05 -6.72
CA LYS B 79 26.23 -18.42 -5.99
C LYS B 79 27.32 -17.34 -6.02
N LEU B 80 27.49 -16.73 -7.18
CA LEU B 80 28.49 -15.68 -7.35
C LEU B 80 28.18 -14.52 -6.40
N SER B 81 26.89 -14.19 -6.27
CA SER B 81 26.51 -13.07 -5.43
C SER B 81 26.80 -13.37 -3.96
N GLU B 82 26.64 -14.63 -3.56
CA GLU B 82 26.96 -15.04 -2.21
C GLU B 82 28.45 -14.93 -1.94
N ARG B 83 29.27 -15.37 -2.90
CA ARG B 83 30.73 -15.26 -2.74
C ARG B 83 31.18 -13.81 -2.62
N ARG B 84 30.54 -12.93 -3.38
CA ARG B 84 30.85 -11.50 -3.28
C ARG B 84 30.58 -10.99 -1.87
N ALA B 85 29.43 -11.35 -1.31
CA ALA B 85 29.08 -10.87 0.03
C ALA B 85 30.05 -11.43 1.09
N GLU B 86 30.49 -12.67 0.87
CA GLU B 86 31.49 -13.29 1.77
C GLU B 86 32.81 -12.56 1.76
N SER B 87 33.26 -12.11 0.59
CA SER B 87 34.51 -11.39 0.48
C SER B 87 34.46 -10.06 1.25
N VAL B 88 33.28 -9.44 1.24
CA VAL B 88 33.10 -8.18 1.96
C VAL B 88 33.06 -8.42 3.46
N ALA B 89 32.38 -9.50 3.86
CA ALA B 89 32.29 -9.87 5.28
C ALA B 89 33.67 -10.07 5.89
N ALA B 90 34.56 -10.71 5.14
CA ALA B 90 35.92 -10.95 5.60
C ALA B 90 36.61 -9.65 5.98
N VAL B 91 36.44 -8.63 5.14
CA VAL B 91 37.06 -7.33 5.39
C VAL B 91 36.47 -6.70 6.66
N PHE B 92 35.17 -6.86 6.86
CA PHE B 92 34.50 -6.35 8.06
C PHE B 92 34.98 -7.04 9.34
N ARG B 93 35.21 -8.35 9.25
CA ARG B 93 35.75 -9.10 10.38
C ARG B 93 37.14 -8.60 10.74
N GLU B 94 37.99 -8.44 9.73
CA GLU B 94 39.36 -7.99 9.94
C GLU B 94 39.43 -6.56 10.41
N ALA B 95 38.37 -5.79 10.13
CA ALA B 95 38.30 -4.39 10.55
C ALA B 95 37.86 -4.27 12.01
N GLY B 96 37.37 -5.37 12.57
CA GLY B 96 37.01 -5.39 13.98
C GLY B 96 35.55 -5.67 14.27
N MET B 97 34.74 -5.86 13.23
CA MET B 97 33.34 -6.16 13.46
C MET B 97 33.16 -7.62 13.88
N PRO B 98 32.36 -7.84 14.94
CA PRO B 98 32.11 -9.19 15.44
C PRO B 98 31.49 -10.10 14.39
N ALA B 99 32.07 -11.28 14.22
CA ALA B 99 31.66 -12.22 13.19
C ALA B 99 30.16 -12.53 13.23
N ALA B 100 29.62 -12.67 14.44
CA ALA B 100 28.23 -13.06 14.61
C ALA B 100 27.26 -11.95 14.21
N ASN B 101 27.78 -10.73 14.09
CA ASN B 101 26.98 -9.56 13.77
C ASN B 101 26.94 -9.21 12.29
N ILE B 102 27.52 -10.07 11.46
CA ILE B 102 27.56 -9.85 10.03
C ILE B 102 26.72 -10.87 9.30
N GLU B 103 25.56 -10.46 8.77
CA GLU B 103 24.73 -11.36 7.99
C GLU B 103 25.07 -11.26 6.50
N VAL B 104 25.16 -12.41 5.84
CA VAL B 104 25.50 -12.47 4.42
C VAL B 104 24.32 -13.00 3.60
N ARG B 105 24.03 -12.35 2.48
CA ARG B 105 22.92 -12.74 1.63
C ARG B 105 23.30 -12.60 0.16
N GLY B 106 22.82 -13.51 -0.67
CA GLY B 106 23.02 -13.39 -2.11
C GLY B 106 21.68 -13.17 -2.79
N LEU B 107 21.57 -12.15 -3.64
CA LEU B 107 20.32 -11.90 -4.34
C LEU B 107 20.44 -12.20 -5.83
N GLY B 108 21.61 -12.68 -6.24
CA GLY B 108 21.85 -13.02 -7.63
C GLY B 108 21.54 -11.86 -8.57
N MET B 109 20.85 -12.14 -9.67
CA MET B 109 20.57 -11.12 -10.68
C MET B 109 19.22 -10.44 -10.48
N SER B 110 18.52 -10.79 -9.40
CA SER B 110 17.10 -10.45 -9.27
C SER B 110 16.78 -8.98 -8.98
N LYS B 111 17.74 -8.22 -8.46
CA LYS B 111 17.46 -6.83 -8.07
C LYS B 111 18.48 -5.83 -8.60
N PRO B 112 18.50 -5.62 -9.92
CA PRO B 112 19.47 -4.69 -10.51
C PRO B 112 19.20 -3.25 -10.07
N VAL B 113 20.25 -2.47 -9.93
CA VAL B 113 20.13 -1.06 -9.63
C VAL B 113 20.36 -0.25 -10.91
N ALA B 114 20.95 -0.88 -11.92
CA ALA B 114 21.26 -0.21 -13.18
C ALA B 114 20.82 -1.03 -14.38
N ASP B 115 20.95 -0.44 -15.57
CA ASP B 115 20.47 -1.07 -16.81
C ASP B 115 21.44 -2.12 -17.33
N ASN B 116 21.02 -3.38 -17.30
CA ASN B 116 21.88 -4.47 -17.75
C ASN B 116 22.18 -4.44 -19.25
N LYS B 117 21.51 -3.57 -19.99
CA LYS B 117 21.71 -3.50 -21.44
C LYS B 117 22.96 -2.71 -21.84
N THR B 118 23.63 -2.09 -20.87
CA THR B 118 24.89 -1.40 -21.15
C THR B 118 26.03 -1.97 -20.32
N ARG B 119 27.25 -1.86 -20.86
CA ARG B 119 28.45 -2.29 -20.13
C ARG B 119 28.55 -1.54 -18.81
N ALA B 120 28.28 -0.25 -18.85
CA ALA B 120 28.37 0.57 -17.65
C ALA B 120 27.33 0.15 -16.61
N GLY B 121 26.12 -0.13 -17.06
CA GLY B 121 25.05 -0.56 -16.17
C GLY B 121 25.35 -1.90 -15.54
N ARG B 122 25.83 -2.84 -16.34
CA ARG B 122 26.20 -4.13 -15.78
C ARG B 122 27.29 -3.99 -14.71
N SER B 123 28.25 -3.10 -14.95
N SER B 123 28.24 -3.10 -14.95
CA SER B 123 29.31 -2.84 -13.98
CA SER B 123 29.32 -2.85 -13.98
C SER B 123 28.76 -2.34 -12.65
C SER B 123 28.77 -2.32 -12.65
N GLU B 124 27.73 -1.50 -12.72
CA GLU B 124 27.10 -0.94 -11.51
C GLU B 124 26.33 -2.02 -10.74
N ASN B 125 25.86 -3.04 -11.46
CA ASN B 125 25.07 -4.11 -10.84
C ASN B 125 25.90 -5.13 -10.09
N ARG B 126 27.17 -5.25 -10.48
CA ARG B 126 28.10 -6.17 -9.83
C ARG B 126 28.59 -5.56 -8.53
N ARG B 127 27.85 -5.82 -7.45
CA ARG B 127 28.04 -5.06 -6.24
C ARG B 127 27.70 -5.84 -4.99
N VAL B 128 28.19 -5.35 -3.86
CA VAL B 128 27.61 -5.73 -2.59
C VAL B 128 27.06 -4.48 -1.93
N ALA B 129 25.78 -4.54 -1.56
CA ALA B 129 25.16 -3.46 -0.81
C ALA B 129 25.30 -3.70 0.67
N ILE B 130 25.90 -2.75 1.36
CA ILE B 130 26.01 -2.76 2.81
C ILE B 130 24.74 -2.13 3.40
N ILE B 131 24.01 -2.91 4.18
CA ILE B 131 22.79 -2.45 4.82
C ILE B 131 23.01 -2.39 6.33
N VAL B 132 22.67 -1.26 6.93
CA VAL B 132 22.78 -1.11 8.37
C VAL B 132 21.39 -1.28 8.96
N PRO B 133 21.14 -2.44 9.58
CA PRO B 133 19.83 -2.80 10.12
C PRO B 133 19.46 -1.98 11.34
N ALA B 134 18.16 -1.90 11.62
CA ALA B 134 17.64 -1.26 12.82
C ALA B 134 17.91 -2.09 14.04
N THR C 8 -3.93 16.05 -13.93
CA THR C 8 -4.57 15.50 -12.74
C THR C 8 -3.62 15.51 -11.54
N SER C 9 -3.90 16.37 -10.58
CA SER C 9 -3.12 16.45 -9.36
C SER C 9 -3.66 15.50 -8.28
N ILE C 10 -2.80 15.12 -7.34
CA ILE C 10 -3.22 14.30 -6.22
C ILE C 10 -4.26 15.09 -5.42
N GLU C 11 -4.07 16.41 -5.27
CA GLU C 11 -5.06 17.19 -4.53
C GLU C 11 -6.40 17.23 -5.26
N GLN C 12 -6.38 17.30 -6.58
CA GLN C 12 -7.61 17.31 -7.36
C GLN C 12 -8.37 15.97 -7.25
N ARG C 13 -7.63 14.86 -7.26
CA ARG C 13 -8.25 13.54 -7.10
C ARG C 13 -8.79 13.39 -5.68
N SER C 14 -8.05 13.94 -4.71
CA SER C 14 -8.45 13.88 -3.31
C SER C 14 -9.78 14.59 -3.13
N ASN C 15 -9.94 15.75 -3.77
CA ASN C 15 -11.22 16.47 -3.68
C ASN C 15 -12.34 15.69 -4.33
N ALA C 16 -12.04 15.01 -5.44
CA ALA C 16 -13.05 14.21 -6.12
C ALA C 16 -13.47 13.01 -5.28
N VAL C 17 -12.53 12.45 -4.52
CA VAL C 17 -12.84 11.36 -3.60
C VAL C 17 -13.80 11.87 -2.51
N SER C 18 -13.51 13.05 -1.96
CA SER C 18 -14.40 13.65 -0.97
C SER C 18 -15.82 13.74 -1.52
N GLN C 19 -15.92 14.20 -2.77
CA GLN C 19 -17.21 14.43 -3.38
C GLN C 19 -17.98 13.14 -3.64
N VAL C 20 -17.29 12.11 -4.12
CA VAL C 20 -18.01 10.87 -4.40
C VAL C 20 -18.42 10.21 -3.08
N LEU C 21 -17.60 10.36 -2.04
CA LEU C 21 -17.96 9.81 -0.74
C LEU C 21 -19.24 10.45 -0.20
N LEU C 22 -19.29 11.78 -0.20
CA LEU C 22 -20.53 12.49 0.21
C LEU C 22 -21.73 12.01 -0.60
N GLY C 23 -21.55 11.86 -1.91
CA GLY C 23 -22.59 11.32 -2.76
C GLY C 23 -23.07 9.96 -2.28
N ILE C 24 -22.13 9.05 -2.06
CA ILE C 24 -22.46 7.71 -1.61
C ILE C 24 -23.19 7.73 -0.27
N PHE C 25 -22.69 8.55 0.66
CA PHE C 25 -23.29 8.62 2.00
C PHE C 25 -24.79 8.93 1.94
N SER C 26 -25.19 9.75 0.97
CA SER C 26 -26.60 10.19 0.90
C SER C 26 -27.54 9.03 0.58
N TYR C 27 -27.00 7.91 0.10
CA TYR C 27 -27.81 6.74 -0.23
C TYR C 27 -27.79 5.69 0.87
N VAL C 28 -27.17 6.03 1.98
CA VAL C 28 -26.98 5.06 3.05
C VAL C 28 -27.79 5.49 4.27
N ARG C 29 -28.32 4.51 4.98
CA ARG C 29 -29.03 4.75 6.24
C ARG C 29 -28.47 3.85 7.33
N TRP C 30 -28.12 4.45 8.47
CA TRP C 30 -27.69 3.71 9.65
C TRP C 30 -28.90 3.42 10.54
N PRO C 31 -28.93 2.25 11.19
CA PRO C 31 -30.09 1.96 12.04
C PRO C 31 -30.26 2.95 13.20
N LYS C 32 -29.16 3.47 13.70
CA LYS C 32 -29.18 4.56 14.67
C LYS C 32 -28.32 5.69 14.15
N GLU C 33 -28.94 6.72 13.59
CA GLU C 33 -28.19 7.81 12.96
C GLU C 33 -27.47 8.65 13.99
N PRO C 34 -26.13 8.75 13.90
CA PRO C 34 -25.42 9.60 14.88
C PRO C 34 -25.59 11.10 14.60
N ALA C 35 -25.34 11.90 15.62
CA ALA C 35 -25.35 13.34 15.46
C ALA C 35 -24.20 13.82 14.58
N VAL C 36 -23.06 13.13 14.72
CA VAL C 36 -21.89 13.41 13.90
C VAL C 36 -21.45 12.08 13.25
N LEU C 37 -21.31 12.09 11.93
CA LEU C 37 -20.91 10.86 11.23
C LEU C 37 -19.42 10.67 11.41
N GLN C 38 -19.03 9.48 11.86
CA GLN C 38 -17.64 9.22 12.19
C GLN C 38 -17.00 8.41 11.08
N LEU C 39 -15.96 8.97 10.46
CA LEU C 39 -15.24 8.27 9.39
C LEU C 39 -13.82 7.98 9.87
N CYS C 40 -13.39 6.74 9.70
N CYS C 40 -13.37 6.75 9.69
CA CYS C 40 -12.00 6.38 9.97
CA CYS C 40 -11.97 6.47 9.99
C CYS C 40 -11.28 6.05 8.67
C CYS C 40 -11.27 6.04 8.71
N VAL C 41 -10.07 6.57 8.55
CA VAL C 41 -9.20 6.26 7.44
C VAL C 41 -8.19 5.25 7.94
N VAL C 42 -8.15 4.08 7.32
CA VAL C 42 -7.38 2.97 7.86
C VAL C 42 -6.43 2.41 6.83
N GLY C 43 -5.14 2.43 7.14
CA GLY C 43 -4.12 1.91 6.24
C GLY C 43 -3.60 2.98 5.31
N PRO C 44 -2.51 2.69 4.59
CA PRO C 44 -1.89 3.68 3.71
C PRO C 44 -2.83 4.15 2.62
N THR C 45 -2.95 5.47 2.47
CA THR C 45 -3.80 6.03 1.44
C THR C 45 -3.11 7.16 0.68
N GLU C 46 -3.52 7.38 -0.56
CA GLU C 46 -3.07 8.54 -1.33
C GLU C 46 -4.05 9.69 -1.35
N TYR C 47 -5.34 9.37 -1.26
CA TYR C 47 -6.34 10.37 -1.62
C TYR C 47 -7.29 10.78 -0.48
N ALA C 48 -6.85 10.58 0.76
CA ALA C 48 -7.73 10.84 1.89
C ALA C 48 -7.54 12.21 2.54
N ASP C 49 -6.61 13.03 2.05
CA ASP C 49 -6.30 14.27 2.75
C ASP C 49 -7.52 15.18 2.85
N GLY C 50 -8.32 15.19 1.79
CA GLY C 50 -9.56 15.94 1.79
C GLY C 50 -10.54 15.47 2.84
N LEU C 51 -10.80 14.16 2.88
CA LEU C 51 -11.63 13.55 3.91
C LEU C 51 -11.20 13.98 5.31
N LEU C 52 -9.89 14.00 5.52
CA LEU C 52 -9.36 14.20 6.86
C LEU C 52 -9.45 15.67 7.30
N ARG C 53 -9.72 16.56 6.37
CA ARG C 53 -9.98 17.96 6.76
C ARG C 53 -11.39 18.10 7.34
N GLY C 54 -12.21 17.06 7.18
CA GLY C 54 -13.59 17.11 7.64
C GLY C 54 -14.53 17.54 6.53
N MET C 55 -15.79 17.10 6.62
CA MET C 55 -16.80 17.42 5.61
C MET C 55 -18.14 17.71 6.28
N VAL C 56 -19.07 18.21 5.50
CA VAL C 56 -20.43 18.38 5.98
C VAL C 56 -21.37 17.83 4.93
N GLN C 57 -22.36 17.04 5.36
CA GLN C 57 -23.31 16.44 4.43
C GLN C 57 -24.42 17.43 4.10
N ALA C 58 -25.10 17.22 2.97
CA ALA C 58 -26.19 18.12 2.57
C ALA C 58 -27.37 18.08 3.54
N ASN C 59 -27.45 17.07 4.40
CA ASN C 59 -28.52 17.02 5.39
C ASN C 59 -28.14 17.82 6.65
N GLY C 60 -26.99 18.46 6.61
CA GLY C 60 -26.53 19.30 7.70
C GLY C 60 -25.58 18.64 8.68
N ARG C 61 -25.37 17.33 8.54
CA ARG C 61 -24.54 16.59 9.49
C ARG C 61 -23.06 16.70 9.16
N ARG C 62 -22.27 16.98 10.19
CA ARG C 62 -20.82 17.01 10.05
C ARG C 62 -20.25 15.60 9.95
N VAL C 63 -19.23 15.44 9.10
CA VAL C 63 -18.45 14.21 9.06
C VAL C 63 -17.11 14.40 9.72
N HIS C 64 -16.88 13.68 10.80
CA HIS C 64 -15.56 13.83 11.47
C HIS C 64 -14.69 12.72 10.93
N ALA C 65 -13.48 13.08 10.51
CA ALA C 65 -12.56 12.08 9.94
C ALA C 65 -11.30 11.96 10.79
N GLU C 66 -10.84 10.72 10.99
CA GLU C 66 -9.48 10.55 11.49
C GLU C 66 -8.81 9.26 11.05
N ARG C 67 -7.49 9.24 11.11
CA ARG C 67 -6.78 8.00 10.79
C ARG C 67 -6.74 7.10 12.00
N ARG C 68 -7.00 5.82 11.77
CA ARG C 68 -6.83 4.80 12.81
C ARG C 68 -5.98 3.62 12.33
N ALA C 69 -5.44 2.85 13.27
CA ALA C 69 -4.51 1.77 12.96
C ALA C 69 -5.25 0.56 12.42
N VAL C 70 -4.62 -0.12 11.48
CA VAL C 70 -5.13 -1.37 10.93
C VAL C 70 -5.43 -2.42 12.00
N ASP C 71 -4.65 -2.42 13.08
CA ASP C 71 -4.81 -3.42 14.12
C ASP C 71 -5.57 -2.89 15.34
N ASN C 72 -6.30 -1.79 15.19
CA ASN C 72 -7.22 -1.38 16.26
C ASN C 72 -8.40 -2.35 16.26
N PRO C 73 -8.57 -3.10 17.37
CA PRO C 73 -9.62 -4.11 17.37
C PRO C 73 -11.05 -3.55 17.46
N ASP C 74 -11.18 -2.28 17.82
CA ASP C 74 -12.49 -1.69 18.05
C ASP C 74 -12.96 -0.77 16.93
N LEU C 75 -12.41 -0.95 15.74
CA LEU C 75 -12.81 -0.15 14.57
C LEU C 75 -14.32 -0.14 14.35
N GLY C 76 -14.94 -1.29 14.57
CA GLY C 76 -16.38 -1.42 14.34
C GLY C 76 -17.23 -0.53 15.23
N THR C 77 -16.74 -0.18 16.42
CA THR C 77 -17.51 0.70 17.30
C THR C 77 -16.98 2.14 17.29
N LEU C 78 -15.85 2.36 16.65
CA LEU C 78 -15.29 3.69 16.58
C LEU C 78 -15.68 4.47 15.33
N CYS C 79 -16.36 3.83 14.39
CA CYS C 79 -16.76 4.58 13.21
C CYS C 79 -18.09 4.14 12.60
N ASN C 80 -18.62 4.98 11.73
CA ASN C 80 -19.81 4.65 10.95
C ASN C 80 -19.39 4.31 9.53
N VAL C 81 -18.27 4.87 9.12
CA VAL C 81 -17.71 4.70 7.77
C VAL C 81 -16.23 4.37 7.90
N ILE C 82 -15.74 3.39 7.15
CA ILE C 82 -14.31 3.16 7.08
C ILE C 82 -13.85 3.36 5.63
N TYR C 83 -12.78 4.14 5.46
CA TYR C 83 -12.15 4.34 4.16
C TYR C 83 -10.82 3.58 4.22
N LEU C 84 -10.70 2.51 3.45
CA LEU C 84 -9.65 1.53 3.66
C LEU C 84 -8.54 1.64 2.62
N GLY C 85 -7.30 1.76 3.11
CA GLY C 85 -6.15 1.86 2.24
C GLY C 85 -5.57 0.49 1.92
N VAL C 86 -4.26 0.47 1.70
CA VAL C 86 -3.57 -0.76 1.30
C VAL C 86 -3.38 -1.77 2.43
N VAL C 87 -4.13 -2.87 2.38
CA VAL C 87 -3.95 -3.93 3.38
C VAL C 87 -3.68 -5.27 2.68
N ASP C 88 -2.85 -6.12 3.28
CA ASP C 88 -2.64 -7.46 2.71
C ASP C 88 -3.81 -8.34 3.14
N GLU C 89 -3.83 -9.61 2.71
CA GLU C 89 -5.00 -10.42 2.99
C GLU C 89 -5.21 -10.65 4.50
N ARG C 90 -4.13 -10.80 5.24
CA ARG C 90 -4.20 -10.95 6.71
C ARG C 90 -4.75 -9.71 7.41
N GLU C 91 -4.28 -8.55 7.00
CA GLU C 91 -4.78 -7.28 7.57
C GLU C 91 -6.24 -7.07 7.23
N ARG C 92 -6.62 -7.37 5.99
CA ARG C 92 -7.99 -7.20 5.54
C ARG C 92 -8.94 -8.04 6.36
N GLN C 93 -8.55 -9.29 6.59
CA GLN C 93 -9.37 -10.17 7.39
C GLN C 93 -9.51 -9.66 8.81
N GLN C 94 -8.41 -9.15 9.36
CA GLN C 94 -8.37 -8.53 10.67
C GLN C 94 -9.35 -7.36 10.80
N VAL C 95 -9.28 -6.43 9.84
CA VAL C 95 -10.17 -5.27 9.80
C VAL C 95 -11.64 -5.69 9.72
N PHE C 96 -11.98 -6.60 8.82
CA PHE C 96 -13.39 -6.94 8.65
C PHE C 96 -13.89 -7.84 9.77
N ARG C 97 -12.98 -8.53 10.45
CA ARG C 97 -13.35 -9.19 11.71
C ARG C 97 -13.78 -8.16 12.75
N SER C 98 -13.09 -7.02 12.78
CA SER C 98 -13.42 -5.95 13.69
C SER C 98 -14.77 -5.31 13.35
N LEU C 99 -15.09 -5.26 12.06
CA LEU C 99 -16.32 -4.62 11.58
C LEU C 99 -17.56 -5.51 11.64
N ALA C 100 -17.36 -6.82 11.64
CA ALA C 100 -18.48 -7.76 11.53
C ALA C 100 -19.51 -7.54 12.62
N GLY C 101 -20.78 -7.43 12.23
CA GLY C 101 -21.86 -7.27 13.19
C GLY C 101 -22.08 -5.83 13.64
N HIS C 102 -21.25 -4.91 13.16
CA HIS C 102 -21.45 -3.49 13.38
C HIS C 102 -21.93 -2.83 12.09
N PRO C 103 -22.79 -1.82 12.18
CA PRO C 103 -23.33 -1.16 10.99
C PRO C 103 -22.36 -0.15 10.40
N VAL C 104 -21.48 -0.64 9.53
CA VAL C 104 -20.39 0.18 9.00
C VAL C 104 -20.36 0.17 7.47
N LEU C 105 -20.35 1.36 6.89
CA LEU C 105 -20.12 1.54 5.46
C LEU C 105 -18.62 1.45 5.17
N SER C 106 -18.24 0.56 4.24
CA SER C 106 -16.83 0.37 3.89
C SER C 106 -16.54 0.71 2.44
N ILE C 107 -15.49 1.51 2.27
CA ILE C 107 -15.06 1.97 0.97
C ILE C 107 -13.55 1.81 0.86
N SER C 108 -13.09 1.12 -0.20
CA SER C 108 -11.65 0.95 -0.41
C SER C 108 -11.13 1.95 -1.44
N GLU C 109 -9.93 2.46 -1.21
CA GLU C 109 -9.34 3.43 -2.13
C GLU C 109 -9.01 2.84 -3.50
N ARG C 110 -8.60 1.58 -3.50
CA ARG C 110 -8.27 0.94 -4.77
C ARG C 110 -9.33 -0.11 -5.14
N GLY C 111 -9.48 -0.37 -6.44
CA GLY C 111 -10.66 -1.03 -6.94
C GLY C 111 -10.49 -2.48 -7.30
N THR C 112 -9.46 -3.08 -6.72
CA THR C 112 -9.08 -4.46 -7.01
C THR C 112 -9.48 -5.34 -5.83
N GLU C 113 -10.00 -4.71 -4.78
CA GLU C 113 -10.27 -5.38 -3.51
C GLU C 113 -11.75 -5.56 -3.24
N CYS C 114 -12.48 -6.01 -4.24
CA CYS C 114 -13.92 -6.08 -4.05
C CYS C 114 -14.56 -7.43 -4.12
N SER C 115 -13.77 -8.50 -4.18
CA SER C 115 -14.36 -9.82 -4.10
C SER C 115 -14.90 -10.10 -2.71
N VAL C 116 -14.18 -9.62 -1.69
CA VAL C 116 -14.64 -9.79 -0.32
C VAL C 116 -14.14 -8.57 0.46
N GLY C 117 -14.83 -8.17 1.52
CA GLY C 117 -14.43 -6.98 2.27
C GLY C 117 -15.30 -5.78 1.96
N SER C 118 -14.73 -4.74 1.35
CA SER C 118 -15.43 -3.47 1.20
C SER C 118 -16.67 -3.50 0.32
N MET C 119 -17.63 -2.65 0.65
CA MET C 119 -18.87 -2.52 -0.12
C MET C 119 -18.66 -1.81 -1.45
N PHE C 120 -17.82 -0.78 -1.41
CA PHE C 120 -17.49 0.00 -2.59
C PHE C 120 -15.98 0.02 -2.74
N CYS C 121 -15.49 -0.14 -3.96
CA CYS C 121 -14.06 -0.10 -4.23
C CYS C 121 -13.81 0.94 -5.32
N LEU C 122 -13.15 2.02 -4.96
CA LEU C 122 -12.95 3.11 -5.90
C LEU C 122 -11.89 2.82 -6.94
N ASN C 123 -12.05 3.24 -8.20
N ASN C 123 -12.02 3.50 -8.08
CA ASN C 123 -10.92 3.51 -9.07
CA ASN C 123 -10.97 3.55 -9.09
C ASN C 123 -10.67 5.01 -9.24
C ASN C 123 -10.64 5.02 -9.31
N VAL C 124 -9.52 5.47 -8.74
CA VAL C 124 -9.14 6.87 -8.78
C VAL C 124 -8.00 7.05 -9.76
N GLY C 125 -8.02 8.12 -10.54
CA GLY C 125 -6.91 8.40 -11.43
C GLY C 125 -7.22 8.39 -12.91
N GLY C 126 -8.42 7.95 -13.27
CA GLY C 126 -8.89 8.04 -14.63
C GLY C 126 -9.49 9.42 -14.81
N PRO C 127 -10.10 9.68 -15.98
CA PRO C 127 -10.75 10.96 -16.25
C PRO C 127 -11.84 11.28 -15.22
N ARG C 128 -12.38 10.23 -14.63
CA ARG C 128 -13.43 10.35 -13.62
C ARG C 128 -13.32 9.22 -12.59
N ILE C 129 -13.67 9.51 -11.34
CA ILE C 129 -13.65 8.47 -10.32
C ILE C 129 -14.81 7.50 -10.56
N THR C 130 -14.53 6.21 -10.58
CA THR C 130 -15.61 5.23 -10.66
C THR C 130 -15.49 4.27 -9.47
N PHE C 131 -16.43 3.34 -9.34
CA PHE C 131 -16.30 2.33 -8.31
C PHE C 131 -17.03 1.06 -8.68
N GLU C 132 -16.58 -0.03 -8.07
CA GLU C 132 -17.31 -1.28 -8.12
C GLU C 132 -18.04 -1.44 -6.80
N ALA C 133 -19.15 -2.15 -6.83
CA ALA C 133 -19.92 -2.39 -5.63
C ALA C 133 -20.13 -3.88 -5.47
N ASN C 134 -19.95 -4.39 -4.25
CA ASN C 134 -20.16 -5.81 -3.98
C ASN C 134 -21.47 -5.94 -3.22
N LEU C 135 -22.47 -6.55 -3.84
CA LEU C 135 -23.80 -6.54 -3.21
C LEU C 135 -23.87 -7.47 -2.00
N ASP C 136 -23.04 -8.51 -1.99
CA ASP C 136 -23.00 -9.43 -0.87
C ASP C 136 -22.41 -8.72 0.35
N SER C 137 -21.35 -7.95 0.11
CA SER C 137 -20.76 -7.15 1.20
C SER C 137 -21.77 -6.13 1.71
N ILE C 138 -22.48 -5.50 0.80
CA ILE C 138 -23.50 -4.54 1.19
C ILE C 138 -24.60 -5.22 2.04
N ALA C 139 -25.06 -6.39 1.61
CA ALA C 139 -26.11 -7.12 2.32
C ALA C 139 -25.70 -7.47 3.76
N ARG C 140 -24.43 -7.76 3.97
CA ARG C 140 -23.90 -8.15 5.28
C ARG C 140 -23.55 -6.96 6.17
N SER C 141 -23.56 -5.75 5.61
CA SER C 141 -22.95 -4.59 6.27
C SER C 141 -23.68 -4.14 7.52
N GLY C 142 -24.99 -4.33 7.57
CA GLY C 142 -25.77 -3.78 8.67
C GLY C 142 -26.29 -2.38 8.40
N VAL C 143 -25.94 -1.80 7.25
CA VAL C 143 -26.55 -0.53 6.85
C VAL C 143 -27.38 -0.72 5.60
N ARG C 144 -28.31 0.20 5.40
CA ARG C 144 -29.18 0.16 4.23
C ARG C 144 -28.56 1.01 3.15
N VAL C 145 -28.46 0.45 1.95
CA VAL C 145 -27.87 1.12 0.81
C VAL C 145 -28.83 1.00 -0.35
N HIS C 146 -29.33 2.12 -0.85
CA HIS C 146 -30.31 2.09 -1.94
C HIS C 146 -29.63 1.85 -3.29
N PRO C 147 -30.24 0.99 -4.12
CA PRO C 147 -29.63 0.64 -5.42
C PRO C 147 -29.33 1.84 -6.31
N SER C 148 -30.03 2.97 -6.14
CA SER C 148 -29.75 4.09 -7.04
C SER C 148 -28.37 4.71 -6.78
N VAL C 149 -27.68 4.28 -5.71
CA VAL C 149 -26.30 4.71 -5.45
C VAL C 149 -25.39 4.35 -6.63
N LEU C 150 -25.77 3.31 -7.35
CA LEU C 150 -24.95 2.76 -8.42
C LEU C 150 -24.81 3.73 -9.59
N LYS C 151 -25.75 4.67 -9.68
CA LYS C 151 -25.70 5.67 -10.76
C LYS C 151 -24.51 6.61 -10.60
N LEU C 152 -23.96 6.69 -9.39
CA LEU C 152 -22.84 7.57 -9.14
C LEU C 152 -21.56 7.07 -9.82
N ALA C 153 -21.51 5.78 -10.12
CA ALA C 153 -20.29 5.22 -10.69
C ALA C 153 -20.25 5.46 -12.20
N ARG C 154 -21.40 5.87 -12.73
N ARG C 154 -21.40 5.78 -12.79
CA ARG C 154 -21.62 5.99 -14.15
CA ARG C 154 -21.45 5.98 -14.22
C ARG C 154 -21.55 7.44 -14.61
C ARG C 154 -21.63 7.44 -14.61
N ARG C 155 -21.81 7.67 -15.90
CA ARG C 155 -21.90 9.02 -16.44
C ARG C 155 -23.08 9.79 -15.83
N GLN D 11 -24.53 14.15 -7.05
CA GLN D 11 -24.24 14.79 -5.77
C GLN D 11 -24.93 13.99 -4.65
N GLU D 12 -25.76 14.63 -3.85
CA GLU D 12 -26.28 14.01 -2.63
C GLU D 12 -27.78 13.81 -2.70
N GLN D 13 -28.28 13.39 -3.87
CA GLN D 13 -29.71 13.23 -4.09
C GLN D 13 -30.31 12.01 -3.39
N GLY D 14 -29.48 11.18 -2.79
CA GLY D 14 -29.99 10.07 -2.00
C GLY D 14 -30.84 10.46 -0.82
N PHE D 15 -30.67 11.69 -0.31
CA PHE D 15 -31.45 12.13 0.85
C PHE D 15 -32.93 12.26 0.51
N GLU D 16 -33.24 12.39 -0.78
CA GLU D 16 -34.64 12.48 -1.21
C GLU D 16 -35.34 11.12 -1.25
N LEU D 17 -34.58 10.04 -1.09
CA LEU D 17 -35.17 8.69 -1.14
C LEU D 17 -36.10 8.43 0.05
N ARG D 18 -37.25 7.83 -0.24
CA ARG D 18 -38.15 7.43 0.82
C ARG D 18 -38.08 5.91 1.08
N ASP D 19 -39.21 5.22 1.15
CA ASP D 19 -39.18 3.82 1.60
C ASP D 19 -39.16 2.78 0.48
N GLU D 20 -39.11 3.23 -0.77
CA GLU D 20 -39.25 2.27 -1.85
C GLU D 20 -37.91 1.84 -2.44
N GLY D 21 -37.83 0.56 -2.80
CA GLY D 21 -36.71 0.05 -3.56
C GLY D 21 -35.45 -0.37 -2.83
N TRP D 22 -35.49 -0.54 -1.50
CA TRP D 22 -34.27 -0.89 -0.77
C TRP D 22 -34.02 -2.40 -0.85
N GLU D 23 -33.49 -2.84 -1.99
CA GLU D 23 -33.40 -4.27 -2.28
C GLU D 23 -32.07 -4.93 -1.95
N PHE D 24 -31.16 -4.19 -1.31
CA PHE D 24 -29.82 -4.72 -1.04
C PHE D 24 -29.62 -4.99 0.46
N GLY D 25 -30.69 -5.32 1.16
CA GLY D 25 -30.60 -5.56 2.60
C GLY D 25 -30.12 -6.96 2.97
N MET D 26 -30.22 -7.28 4.25
CA MET D 26 -29.70 -8.54 4.76
C MET D 26 -30.36 -9.74 4.10
N SER D 27 -31.61 -9.60 3.69
CA SER D 27 -32.31 -10.71 3.08
C SER D 27 -31.92 -10.93 1.63
N SER D 28 -31.00 -10.12 1.10
CA SER D 28 -30.64 -10.21 -0.30
C SER D 28 -29.38 -11.04 -0.58
N LYS D 29 -28.81 -11.69 0.43
CA LYS D 29 -27.67 -12.59 0.21
C LYS D 29 -28.14 -13.75 -0.66
N VAL D 30 -27.24 -14.27 -1.49
CA VAL D 30 -27.58 -15.40 -2.36
C VAL D 30 -26.85 -16.64 -1.86
N LEU D 31 -27.51 -17.43 -0.99
CA LEU D 31 -26.87 -18.57 -0.35
C LEU D 31 -27.33 -19.92 -0.91
N PHE D 32 -26.46 -20.92 -0.80
CA PHE D 32 -26.74 -22.27 -1.32
C PHE D 32 -26.69 -23.32 -0.23
N GLY D 33 -27.48 -24.37 -0.38
CA GLY D 33 -27.41 -25.50 0.53
C GLY D 33 -26.11 -26.27 0.35
N ASN D 34 -25.79 -27.11 1.32
CA ASN D 34 -24.59 -27.92 1.27
C ASN D 34 -24.45 -28.71 -0.03
N ASN D 35 -23.33 -28.50 -0.73
CA ASN D 35 -23.05 -29.19 -1.99
C ASN D 35 -24.09 -28.94 -3.09
N LEU D 36 -24.95 -27.93 -2.91
CA LEU D 36 -25.93 -27.62 -3.94
C LEU D 36 -25.46 -26.50 -4.87
N ASP D 37 -25.75 -26.66 -6.17
CA ASP D 37 -25.38 -25.63 -7.14
C ASP D 37 -26.61 -25.01 -7.80
N ARG D 38 -27.78 -25.38 -7.29
CA ARG D 38 -29.07 -24.90 -7.80
C ARG D 38 -29.72 -24.00 -6.77
N LEU D 39 -30.60 -23.12 -7.23
CA LEU D 39 -31.27 -22.17 -6.37
C LEU D 39 -32.58 -22.70 -5.83
N ASN D 40 -33.04 -22.06 -4.77
CA ASN D 40 -34.33 -22.41 -4.21
C ASN D 40 -35.32 -21.35 -4.69
N PRO D 41 -36.62 -21.69 -4.67
CA PRO D 41 -37.61 -20.74 -5.13
C PRO D 41 -37.48 -19.35 -4.51
N ASP D 42 -37.13 -19.26 -3.23
CA ASP D 42 -36.93 -17.96 -2.60
C ASP D 42 -35.67 -17.18 -3.06
N SER D 43 -34.51 -17.84 -3.23
CA SER D 43 -33.36 -17.11 -3.75
C SER D 43 -33.67 -16.69 -5.18
N ARG D 44 -34.40 -17.55 -5.88
CA ARG D 44 -34.80 -17.22 -7.21
C ARG D 44 -35.59 -15.92 -7.13
N ASN D 45 -36.51 -15.85 -6.18
CA ASN D 45 -37.28 -14.64 -5.95
C ASN D 45 -36.37 -13.46 -5.60
N THR D 46 -35.42 -13.68 -4.69
CA THR D 46 -34.48 -12.64 -4.30
C THR D 46 -33.72 -12.13 -5.52
N LEU D 47 -33.25 -13.08 -6.35
CA LEU D 47 -32.44 -12.73 -7.50
C LEU D 47 -33.23 -11.91 -8.50
N THR D 48 -34.48 -12.29 -8.72
CA THR D 48 -35.32 -11.55 -9.65
C THR D 48 -35.55 -10.11 -9.18
N LYS D 49 -35.74 -9.91 -7.88
CA LYS D 49 -35.87 -8.57 -7.34
C LYS D 49 -34.58 -7.76 -7.50
N ILE D 50 -33.45 -8.41 -7.25
CA ILE D 50 -32.16 -7.75 -7.41
C ILE D 50 -31.94 -7.39 -8.87
N ALA D 51 -32.16 -8.37 -9.74
CA ALA D 51 -32.01 -8.11 -11.17
C ALA D 51 -32.87 -6.94 -11.62
N ARG D 52 -34.12 -6.92 -11.19
CA ARG D 52 -35.05 -5.86 -11.56
C ARG D 52 -34.59 -4.52 -11.00
N ALA D 53 -34.12 -4.54 -9.75
CA ALA D 53 -33.63 -3.34 -9.10
C ALA D 53 -32.50 -2.72 -9.91
N LEU D 54 -31.57 -3.57 -10.38
CA LEU D 54 -30.43 -3.10 -11.15
C LEU D 54 -30.81 -2.51 -12.50
N LEU D 55 -31.69 -3.20 -13.20
CA LEU D 55 -32.15 -2.74 -14.51
C LEU D 55 -32.89 -1.42 -14.37
N ALA D 56 -33.61 -1.27 -13.27
CA ALA D 56 -34.36 -0.03 -12.99
C ALA D 56 -33.44 1.20 -12.85
N VAL D 57 -32.19 0.97 -12.47
CA VAL D 57 -31.24 2.08 -12.38
C VAL D 57 -30.21 1.95 -13.51
N ASP D 58 -30.62 1.29 -14.58
CA ASP D 58 -29.87 1.19 -15.83
C ASP D 58 -28.54 0.47 -15.71
N ILE D 59 -28.49 -0.50 -14.80
CA ILE D 59 -27.34 -1.38 -14.72
C ILE D 59 -27.70 -2.63 -15.52
N ASP D 60 -26.90 -2.93 -16.53
CA ASP D 60 -27.18 -4.10 -17.37
C ASP D 60 -25.95 -5.01 -17.46
N LYS D 61 -25.05 -4.89 -16.49
CA LYS D 61 -23.78 -5.61 -16.53
C LYS D 61 -23.29 -5.92 -15.13
N VAL D 62 -22.99 -7.19 -14.86
CA VAL D 62 -22.56 -7.64 -13.54
C VAL D 62 -21.45 -8.67 -13.61
N ARG D 63 -20.67 -8.79 -12.54
CA ARG D 63 -19.77 -9.94 -12.40
C ARG D 63 -20.31 -10.82 -11.28
N LEU D 64 -20.40 -12.13 -11.52
CA LEU D 64 -20.90 -13.04 -10.52
C LEU D 64 -19.77 -13.94 -10.04
N GLU D 65 -19.51 -13.91 -8.74
CA GLU D 65 -18.42 -14.71 -8.19
C GLU D 65 -18.97 -15.75 -7.22
N GLY D 66 -18.78 -17.02 -7.55
CA GLY D 66 -19.27 -18.10 -6.71
C GLY D 66 -18.23 -18.56 -5.72
N HIS D 67 -18.71 -19.11 -4.60
CA HIS D 67 -17.87 -19.50 -3.48
C HIS D 67 -18.41 -20.76 -2.87
N THR D 68 -17.54 -21.46 -2.15
CA THR D 68 -17.91 -22.61 -1.35
C THR D 68 -17.40 -22.47 0.08
N ASP D 69 -17.84 -23.36 0.97
CA ASP D 69 -17.14 -23.46 2.25
C ASP D 69 -15.87 -24.28 2.03
N ASN D 70 -15.19 -24.66 3.09
CA ASN D 70 -13.88 -25.30 2.93
C ASN D 70 -13.94 -26.82 3.08
N TYR D 71 -15.12 -27.40 2.91
CA TYR D 71 -15.21 -28.86 2.91
C TYR D 71 -14.84 -29.44 1.54
N GLY D 72 -14.03 -30.49 1.53
CA GLY D 72 -13.67 -31.16 0.29
C GLY D 72 -12.39 -30.63 -0.35
N ASP D 73 -12.08 -31.11 -1.55
CA ASP D 73 -10.82 -30.69 -2.18
C ASP D 73 -10.99 -29.42 -3.00
N GLU D 74 -9.88 -28.75 -3.27
CA GLU D 74 -9.88 -27.44 -3.90
C GLU D 74 -10.51 -27.49 -5.28
N GLY D 75 -10.14 -28.48 -6.08
CA GLY D 75 -10.63 -28.58 -7.44
C GLY D 75 -12.13 -28.77 -7.56
N TYR D 76 -12.67 -29.67 -6.75
CA TYR D 76 -14.10 -29.93 -6.75
C TYR D 76 -14.82 -28.66 -6.39
N ASN D 77 -14.31 -27.98 -5.38
CA ASN D 77 -14.96 -26.76 -4.90
C ASN D 77 -14.92 -25.64 -5.91
N GLN D 78 -13.83 -25.56 -6.67
CA GLN D 78 -13.72 -24.57 -7.72
C GLN D 78 -14.84 -24.74 -8.72
N LYS D 79 -15.03 -25.97 -9.18
CA LYS D 79 -16.10 -26.27 -10.13
C LYS D 79 -17.46 -26.01 -9.53
N LEU D 80 -17.65 -26.38 -8.26
CA LEU D 80 -18.94 -26.17 -7.61
C LEU D 80 -19.27 -24.65 -7.60
N SER D 81 -18.25 -23.85 -7.31
CA SER D 81 -18.43 -22.40 -7.23
C SER D 81 -18.79 -21.83 -8.60
N GLU D 82 -18.22 -22.41 -9.66
CA GLU D 82 -18.57 -22.00 -11.01
C GLU D 82 -20.02 -22.33 -11.35
N ARG D 83 -20.46 -23.53 -10.98
CA ARG D 83 -21.84 -23.90 -11.23
C ARG D 83 -22.83 -23.00 -10.50
N ARG D 84 -22.49 -22.60 -9.28
CA ARG D 84 -23.35 -21.69 -8.52
C ARG D 84 -23.55 -20.37 -9.24
N ALA D 85 -22.44 -19.83 -9.75
CA ALA D 85 -22.48 -18.55 -10.44
C ALA D 85 -23.26 -18.67 -11.74
N GLU D 86 -23.10 -19.81 -12.40
CA GLU D 86 -23.84 -20.06 -13.64
C GLU D 86 -25.34 -20.07 -13.36
N SER D 87 -25.74 -20.67 -12.24
CA SER D 87 -27.16 -20.72 -11.89
C SER D 87 -27.73 -19.33 -11.69
N VAL D 88 -26.92 -18.44 -11.13
CA VAL D 88 -27.35 -17.08 -10.93
C VAL D 88 -27.40 -16.33 -12.25
N ALA D 89 -26.41 -16.58 -13.12
CA ALA D 89 -26.38 -15.96 -14.44
C ALA D 89 -27.65 -16.27 -15.22
N ALA D 90 -28.10 -17.52 -15.12
CA ALA D 90 -29.34 -17.93 -15.80
C ALA D 90 -30.51 -17.03 -15.36
N VAL D 91 -30.61 -16.76 -14.06
CA VAL D 91 -31.71 -15.93 -13.56
C VAL D 91 -31.62 -14.50 -14.09
N PHE D 92 -30.41 -13.96 -14.15
CA PHE D 92 -30.22 -12.61 -14.69
C PHE D 92 -30.57 -12.54 -16.19
N ARG D 93 -30.24 -13.60 -16.93
CA ARG D 93 -30.56 -13.65 -18.35
C ARG D 93 -32.05 -13.57 -18.59
N GLU D 94 -32.81 -14.38 -17.86
CA GLU D 94 -34.26 -14.40 -18.02
C GLU D 94 -34.92 -13.11 -17.57
N ALA D 95 -34.26 -12.34 -16.71
CA ALA D 95 -34.80 -11.08 -16.24
C ALA D 95 -34.58 -9.99 -17.27
N GLY D 96 -33.72 -10.27 -18.25
CA GLY D 96 -33.52 -9.33 -19.33
C GLY D 96 -32.10 -8.81 -19.48
N MET D 97 -31.21 -9.26 -18.61
CA MET D 97 -29.82 -8.84 -18.74
C MET D 97 -29.19 -9.58 -19.91
N PRO D 98 -28.47 -8.86 -20.77
CA PRO D 98 -27.80 -9.47 -21.93
C PRO D 98 -26.80 -10.50 -21.48
N ALA D 99 -26.85 -11.69 -22.09
CA ALA D 99 -26.02 -12.81 -21.67
C ALA D 99 -24.54 -12.45 -21.59
N ALA D 100 -24.08 -11.69 -22.57
CA ALA D 100 -22.67 -11.38 -22.67
C ALA D 100 -22.24 -10.39 -21.60
N ASN D 101 -23.21 -9.75 -20.96
CA ASN D 101 -22.89 -8.73 -19.96
C ASN D 101 -22.79 -9.32 -18.57
N ILE D 102 -22.89 -10.64 -18.50
CA ILE D 102 -22.83 -11.33 -17.23
C ILE D 102 -21.54 -12.11 -17.19
N GLU D 103 -20.60 -11.66 -16.38
CA GLU D 103 -19.35 -12.41 -16.25
C GLU D 103 -19.48 -13.40 -15.11
N VAL D 104 -19.04 -14.63 -15.36
CA VAL D 104 -19.13 -15.68 -14.34
C VAL D 104 -17.73 -16.10 -13.91
N ARG D 105 -17.54 -16.21 -12.60
CA ARG D 105 -16.25 -16.58 -12.04
C ARG D 105 -16.46 -17.49 -10.85
N GLY D 106 -15.60 -18.48 -10.69
CA GLY D 106 -15.65 -19.31 -9.51
C GLY D 106 -14.40 -19.08 -8.68
N LEU D 107 -14.57 -18.83 -7.38
CA LEU D 107 -13.44 -18.61 -6.51
C LEU D 107 -13.20 -19.79 -5.56
N GLY D 108 -14.02 -20.82 -5.71
CA GLY D 108 -13.90 -22.01 -4.87
C GLY D 108 -13.94 -21.68 -3.40
N MET D 109 -13.05 -22.30 -2.62
CA MET D 109 -13.02 -22.12 -1.17
C MET D 109 -12.04 -21.05 -0.70
N SER D 110 -11.41 -20.36 -1.65
CA SER D 110 -10.25 -19.51 -1.36
C SER D 110 -10.54 -18.18 -0.66
N LYS D 111 -11.78 -17.70 -0.75
CA LYS D 111 -12.08 -16.39 -0.19
C LYS D 111 -13.33 -16.36 0.69
N PRO D 112 -13.25 -17.02 1.86
CA PRO D 112 -14.40 -17.06 2.76
C PRO D 112 -14.76 -15.68 3.30
N VAL D 113 -16.06 -15.49 3.51
CA VAL D 113 -16.52 -14.26 4.14
C VAL D 113 -16.78 -14.49 5.62
N ALA D 114 -16.94 -15.76 6.01
CA ALA D 114 -17.22 -16.13 7.39
C ALA D 114 -16.36 -17.29 7.87
N ASP D 115 -16.47 -17.60 9.16
CA ASP D 115 -15.63 -18.60 9.80
C ASP D 115 -16.12 -20.00 9.49
N ASN D 116 -15.31 -20.76 8.77
CA ASN D 116 -15.66 -22.12 8.40
C ASN D 116 -15.68 -23.07 9.60
N LYS D 117 -15.25 -22.61 10.77
CA LYS D 117 -15.26 -23.47 11.95
C LYS D 117 -16.64 -23.55 12.62
N THR D 118 -17.61 -22.80 12.11
CA THR D 118 -18.98 -22.94 12.60
C THR D 118 -19.92 -23.34 11.47
N ARG D 119 -21.00 -24.03 11.82
CA ARG D 119 -22.01 -24.40 10.86
C ARG D 119 -22.61 -23.16 10.19
N ALA D 120 -22.85 -22.12 10.98
CA ALA D 120 -23.43 -20.88 10.47
C ALA D 120 -22.47 -20.19 9.49
N GLY D 121 -21.19 -20.17 9.83
CA GLY D 121 -20.19 -19.57 8.98
C GLY D 121 -20.04 -20.29 7.65
N ARG D 122 -20.04 -21.62 7.69
CA ARG D 122 -19.99 -22.38 6.44
C ARG D 122 -21.20 -22.06 5.56
N SER D 123 -22.38 -21.92 6.17
N SER D 123 -22.37 -21.90 6.18
CA SER D 123 -23.59 -21.56 5.44
CA SER D 123 -23.59 -21.57 5.43
C SER D 123 -23.45 -20.19 4.77
C SER D 123 -23.46 -20.19 4.76
N GLU D 124 -22.84 -19.24 5.47
CA GLU D 124 -22.64 -17.89 4.88
C GLU D 124 -21.65 -17.90 3.72
N ASN D 125 -20.72 -18.86 3.74
CA ASN D 125 -19.71 -18.94 2.70
C ASN D 125 -20.23 -19.53 1.40
N ARG D 126 -21.30 -20.32 1.48
CA ARG D 126 -21.86 -20.97 0.29
C ARG D 126 -22.72 -19.94 -0.44
N ARG D 127 -22.10 -19.19 -1.33
CA ARG D 127 -22.73 -17.99 -1.84
C ARG D 127 -22.30 -17.65 -3.24
N VAL D 128 -23.08 -16.80 -3.87
CA VAL D 128 -22.61 -16.05 -5.02
C VAL D 128 -22.67 -14.56 -4.71
N ALA D 129 -21.53 -13.89 -4.88
CA ALA D 129 -21.46 -12.45 -4.70
C ALA D 129 -21.71 -11.77 -6.03
N ILE D 130 -22.72 -10.92 -6.05
CA ILE D 130 -22.99 -10.08 -7.22
C ILE D 130 -22.18 -8.79 -7.13
N ILE D 131 -21.31 -8.61 -8.12
CA ILE D 131 -20.46 -7.41 -8.18
C ILE D 131 -20.87 -6.56 -9.37
N VAL D 132 -21.07 -5.28 -9.10
CA VAL D 132 -21.42 -4.34 -10.14
C VAL D 132 -20.21 -3.53 -10.57
N PRO D 133 -19.66 -3.81 -11.76
CA PRO D 133 -18.49 -3.10 -12.25
C PRO D 133 -18.85 -1.66 -12.61
N ALA D 134 -17.85 -0.79 -12.67
CA ALA D 134 -18.08 0.58 -13.09
C ALA D 134 -18.36 0.64 -14.59
S SO4 E . 28.63 -10.74 -13.21
O1 SO4 E . 27.81 -10.46 -12.02
O2 SO4 E . 28.63 -9.67 -14.19
O3 SO4 E . 30.00 -10.91 -12.76
O4 SO4 E . 28.11 -11.92 -13.91
S SO4 F . -20.09 -26.27 -0.02
O1 SO4 F . -20.18 -25.44 1.14
O2 SO4 F . -21.40 -26.74 -0.48
O3 SO4 F . -19.58 -25.31 -0.97
O4 SO4 F . -19.17 -27.37 0.23
#